data_8RXF
#
_entry.id   8RXF
#
_cell.length_a   67.054
_cell.length_b   67.054
_cell.length_c   183.074
_cell.angle_alpha   90
_cell.angle_beta   90
_cell.angle_gamma   90
#
_symmetry.space_group_name_H-M   'P 43 21 2'
#
loop_
_entity.id
_entity.type
_entity.pdbx_description
1 polymer Methyltransferase
2 non-polymer 'ZINC ION'
3 non-polymer '2-OXO-4-METHYLPENTANOIC ACID'
4 non-polymer 'CHLORIDE ION'
5 non-polymer GLYCEROL
6 water water
#
_entity_poly.entity_id   1
_entity_poly.type   'polypeptide(L)'
_entity_poly.pdbx_seq_one_letter_code
;MATHDIAAQHLADGIAASGPAPDLAAAAAFLEMGDRLGVVAHLDPDRTLETAEVAAALDLPEPALVRYLDAVESAGLVIR
EGEGRYRACPDFDTIRHQAGYISWTMNANRPFIENARDFFTDWDKAARTHVRDYREVAVSSQWMGSHAFYPTALATIIDA
APRKVVDLGAGTCRLLIEVLGAVPGSTGVGLDFAADACRAAEQAVAQAGMTDRLTVVERTIQSVATDPGVLEGADVIHAG
FVFHDMLPEEEDVCDQVLANCRESLAPGGFLAITDAVPYLRNDRERRFSAAVSYYHGEFMRRRLQSEEEWVERLRGAGFS
DVRALTLAFPTGRLFLAHR
;
_entity_poly.pdbx_strand_id   A
#
loop_
_chem_comp.id
_chem_comp.type
_chem_comp.name
_chem_comp.formula
CL non-polymer 'CHLORIDE ION' 'Cl -1'
COI non-polymer '2-OXO-4-METHYLPENTANOIC ACID' 'C6 H10 O3'
GOL non-polymer GLYCEROL 'C3 H8 O3'
ZN non-polymer 'ZINC ION' 'Zn 2'
#
# COMPACT_ATOMS: atom_id res chain seq x y z
N ASP A 5 -12.46 -44.94 14.43
CA ASP A 5 -11.16 -45.19 13.81
C ASP A 5 -11.09 -44.47 12.47
N ILE A 6 -12.17 -44.56 11.67
CA ILE A 6 -12.23 -43.89 10.37
C ILE A 6 -12.32 -42.37 10.55
N ALA A 7 -12.99 -41.91 11.63
CA ALA A 7 -13.15 -40.52 11.96
C ALA A 7 -11.81 -39.87 12.32
N ALA A 8 -10.87 -40.63 12.91
CA ALA A 8 -9.54 -40.17 13.29
C ALA A 8 -8.68 -39.95 12.07
N GLN A 9 -8.80 -40.81 11.05
CA GLN A 9 -8.04 -40.70 9.81
C GLN A 9 -8.56 -39.53 9.01
N HIS A 10 -9.90 -39.43 8.85
CA HIS A 10 -10.48 -38.27 8.14
C HIS A 10 -10.14 -36.95 8.84
N LEU A 11 -9.98 -37.00 10.20
CA LEU A 11 -9.61 -35.82 10.98
C LEU A 11 -8.20 -35.31 10.61
N ALA A 12 -7.17 -36.18 10.67
CA ALA A 12 -5.78 -35.84 10.33
C ALA A 12 -5.64 -35.41 8.86
N ASP A 13 -6.34 -36.12 7.95
CA ASP A 13 -6.33 -35.82 6.50
C ASP A 13 -6.98 -34.46 6.23
N GLY A 14 -8.08 -34.16 6.92
CA GLY A 14 -8.78 -32.92 6.73
C GLY A 14 -8.01 -31.73 7.26
N ILE A 15 -7.32 -31.91 8.40
CA ILE A 15 -6.50 -30.83 8.97
C ILE A 15 -5.37 -30.48 8.02
N ALA A 16 -4.73 -31.50 7.43
CA ALA A 16 -3.64 -31.32 6.46
C ALA A 16 -4.18 -30.64 5.18
N ALA A 17 -5.38 -31.04 4.73
CA ALA A 17 -6.03 -30.45 3.55
C ALA A 17 -6.39 -28.99 3.73
N SER A 18 -6.98 -28.63 4.90
CA SER A 18 -7.38 -27.25 5.18
C SER A 18 -6.19 -26.35 5.41
N GLY A 19 -5.15 -26.88 6.05
CA GLY A 19 -3.95 -26.12 6.38
C GLY A 19 -4.21 -24.83 7.14
N PRO A 20 -3.65 -23.73 6.66
CA PRO A 20 -3.82 -22.44 7.34
C PRO A 20 -5.01 -21.63 6.86
N ALA A 21 -5.78 -22.13 5.86
CA ALA A 21 -6.91 -21.41 5.27
C ALA A 21 -8.03 -21.03 6.28
N PRO A 22 -8.52 -21.90 7.19
CA PRO A 22 -9.55 -21.43 8.16
C PRO A 22 -9.09 -20.24 9.03
N ASP A 23 -7.81 -20.27 9.51
CA ASP A 23 -7.29 -19.18 10.34
C ASP A 23 -7.22 -17.88 9.56
N LEU A 24 -6.69 -17.92 8.33
CA LEU A 24 -6.58 -16.75 7.48
C LEU A 24 -7.94 -16.23 7.07
N ALA A 25 -8.86 -17.12 6.73
CA ALA A 25 -10.23 -16.72 6.35
C ALA A 25 -10.91 -15.98 7.53
N ALA A 26 -10.77 -16.50 8.74
CA ALA A 26 -11.38 -15.90 9.91
C ALA A 26 -10.72 -14.58 10.25
N ALA A 27 -9.39 -14.51 10.19
CA ALA A 27 -8.68 -13.28 10.53
C ALA A 27 -9.03 -12.15 9.56
N ALA A 28 -9.09 -12.45 8.26
CA ALA A 28 -9.38 -11.44 7.26
C ALA A 28 -10.79 -10.88 7.42
N ALA A 29 -11.79 -11.73 7.69
CA ALA A 29 -13.16 -11.27 7.87
C ALA A 29 -13.30 -10.40 9.15
N PHE A 30 -12.72 -10.86 10.27
CA PHE A 30 -12.75 -10.06 11.50
C PHE A 30 -12.03 -8.72 11.33
N LEU A 31 -10.89 -8.71 10.62
CA LEU A 31 -10.12 -7.49 10.46
C LEU A 31 -10.76 -6.53 9.46
N GLU A 32 -11.37 -7.05 8.38
CA GLU A 32 -12.06 -6.16 7.44
C GLU A 32 -13.29 -5.58 8.12
N MET A 33 -14.06 -6.41 8.82
CA MET A 33 -15.24 -5.93 9.55
C MET A 33 -14.87 -4.83 10.58
N GLY A 34 -13.82 -5.08 11.36
CA GLY A 34 -13.35 -4.14 12.37
C GLY A 34 -12.74 -2.89 11.80
N ASP A 35 -12.13 -2.99 10.61
CA ASP A 35 -11.54 -1.83 9.96
C ASP A 35 -12.62 -0.91 9.42
N ARG A 36 -13.70 -1.48 8.86
CA ARG A 36 -14.81 -0.68 8.38
C ARG A 36 -15.49 0.05 9.54
N LEU A 37 -15.55 -0.58 10.72
CA LEU A 37 -16.12 0.05 11.94
C LEU A 37 -15.21 1.15 12.50
N GLY A 38 -13.90 1.07 12.22
CA GLY A 38 -12.88 2.00 12.74
C GLY A 38 -12.16 1.49 13.98
N VAL A 39 -12.42 0.22 14.37
CA VAL A 39 -11.88 -0.48 15.55
C VAL A 39 -10.42 -0.92 15.43
N VAL A 40 -10.04 -1.47 14.28
CA VAL A 40 -8.70 -2.00 14.03
C VAL A 40 -7.59 -0.93 14.24
N ALA A 41 -7.85 0.35 13.91
CA ALA A 41 -6.93 1.47 14.17
C ALA A 41 -6.62 1.66 15.67
N HIS A 42 -7.51 1.20 16.57
CA HIS A 42 -7.27 1.26 18.01
C HIS A 42 -6.62 -0.01 18.59
N LEU A 43 -6.49 -1.07 17.78
CA LEU A 43 -5.87 -2.31 18.21
C LEU A 43 -4.37 -2.30 17.98
N ASP A 44 -3.61 -2.52 19.06
CA ASP A 44 -2.16 -2.52 19.01
C ASP A 44 -1.61 -3.47 20.09
N PRO A 45 -0.56 -4.26 19.78
CA PRO A 45 -0.04 -5.19 20.79
C PRO A 45 0.58 -4.53 22.02
N ASP A 46 0.96 -3.24 21.94
CA ASP A 46 1.61 -2.55 23.06
C ASP A 46 0.68 -1.74 23.94
N ARG A 47 -0.59 -1.57 23.57
CA ARG A 47 -1.51 -0.79 24.38
C ARG A 47 -2.93 -1.36 24.32
N THR A 48 -3.76 -0.96 25.28
CA THR A 48 -5.14 -1.40 25.29
C THR A 48 -6.07 -0.37 24.65
N LEU A 49 -7.15 -0.89 24.14
CA LEU A 49 -8.30 -0.21 23.61
C LEU A 49 -9.28 -0.18 24.82
N GLU A 50 -9.75 1.00 25.22
CA GLU A 50 -10.75 1.10 26.29
C GLU A 50 -12.14 1.20 25.63
N THR A 51 -12.99 0.17 25.76
CA THR A 51 -14.29 0.14 25.09
C THR A 51 -15.18 1.35 25.36
N ALA A 52 -15.28 1.83 26.61
CA ALA A 52 -16.11 2.99 26.91
C ALA A 52 -15.75 4.23 26.04
N GLU A 53 -14.46 4.46 25.83
CA GLU A 53 -13.96 5.60 25.08
C GLU A 53 -14.00 5.38 23.58
N VAL A 54 -13.65 4.17 23.13
CA VAL A 54 -13.64 3.82 21.72
C VAL A 54 -15.06 3.77 21.14
N ALA A 55 -16.03 3.26 21.93
CA ALA A 55 -17.43 3.23 21.46
C ALA A 55 -17.94 4.66 21.24
N ALA A 56 -17.56 5.60 22.13
CA ALA A 56 -17.93 7.02 21.99
C ALA A 56 -17.23 7.67 20.78
N ALA A 57 -15.91 7.48 20.63
CA ALA A 57 -15.12 8.01 19.52
C ALA A 57 -15.63 7.53 18.15
N LEU A 58 -16.01 6.25 18.04
CA LEU A 58 -16.53 5.66 16.82
C LEU A 58 -18.05 5.74 16.65
N ASP A 59 -18.76 6.27 17.65
CA ASP A 59 -20.23 6.34 17.67
C ASP A 59 -20.88 4.96 17.44
N LEU A 60 -20.49 3.99 18.26
CA LEU A 60 -21.02 2.63 18.24
C LEU A 60 -21.63 2.34 19.60
N PRO A 61 -22.70 1.51 19.71
CA PRO A 61 -23.19 1.14 21.05
C PRO A 61 -22.11 0.27 21.75
N GLU A 62 -21.79 0.58 23.00
CA GLU A 62 -20.76 -0.15 23.73
C GLU A 62 -21.05 -1.65 23.84
N PRO A 63 -22.30 -2.10 24.15
CA PRO A 63 -22.53 -3.56 24.21
C PRO A 63 -22.15 -4.30 22.91
N ALA A 64 -22.52 -3.75 21.74
CA ALA A 64 -22.17 -4.32 20.43
C ALA A 64 -20.66 -4.39 20.20
N LEU A 65 -19.91 -3.32 20.60
CA LEU A 65 -18.45 -3.30 20.47
C LEU A 65 -17.83 -4.35 21.39
N VAL A 66 -18.34 -4.49 22.61
CA VAL A 66 -17.85 -5.49 23.56
C VAL A 66 -18.06 -6.90 22.98
N ARG A 67 -19.24 -7.18 22.37
CA ARG A 67 -19.50 -8.49 21.76
C ARG A 67 -18.57 -8.78 20.57
N TYR A 68 -18.18 -7.73 19.81
CA TYR A 68 -17.23 -7.89 18.70
C TYR A 68 -15.86 -8.24 19.28
N LEU A 69 -15.43 -7.48 20.28
CA LEU A 69 -14.13 -7.72 20.91
C LEU A 69 -14.07 -9.06 21.64
N ASP A 70 -15.18 -9.53 22.23
CA ASP A 70 -15.23 -10.84 22.87
C ASP A 70 -15.13 -11.97 21.82
N ALA A 71 -15.73 -11.80 20.63
CA ALA A 71 -15.57 -12.78 19.55
C ALA A 71 -14.11 -12.78 19.04
N VAL A 72 -13.50 -11.60 18.86
CA VAL A 72 -12.09 -11.45 18.43
C VAL A 72 -11.10 -11.97 19.51
N GLU A 73 -11.49 -11.89 20.78
CA GLU A 73 -10.71 -12.43 21.89
C GLU A 73 -10.80 -13.98 21.84
N SER A 74 -12.00 -14.52 21.60
CA SER A 74 -12.19 -15.95 21.47
C SER A 74 -11.35 -16.49 20.27
N ALA A 75 -11.29 -15.72 19.18
CA ALA A 75 -10.49 -16.05 18.00
C ALA A 75 -8.96 -16.03 18.28
N GLY A 76 -8.53 -15.36 19.36
CA GLY A 76 -7.13 -15.21 19.72
C GLY A 76 -6.49 -13.98 19.12
N LEU A 77 -7.28 -13.05 18.51
CA LEU A 77 -6.69 -11.84 17.91
C LEU A 77 -6.44 -10.71 18.91
N VAL A 78 -7.16 -10.73 20.05
CA VAL A 78 -7.02 -9.78 21.13
C VAL A 78 -7.03 -10.51 22.49
N ILE A 79 -6.56 -9.82 23.51
CA ILE A 79 -6.48 -10.31 24.88
C ILE A 79 -7.26 -9.34 25.74
N ARG A 80 -8.17 -9.84 26.56
CA ARG A 80 -8.93 -8.99 27.48
CA ARG A 80 -8.91 -8.98 27.47
C ARG A 80 -7.99 -8.73 28.66
N GLU A 81 -7.51 -7.49 28.82
CA GLU A 81 -6.59 -7.16 29.90
C GLU A 81 -7.38 -6.94 31.21
N GLY A 82 -8.33 -6.05 31.18
CA GLY A 82 -9.25 -5.86 32.29
C GLY A 82 -10.66 -5.75 31.74
N GLU A 83 -11.60 -5.29 32.56
CA GLU A 83 -12.96 -5.05 32.09
C GLU A 83 -12.91 -3.82 31.17
N GLY A 84 -13.47 -3.95 30.00
CA GLY A 84 -13.47 -2.87 29.04
C GLY A 84 -12.12 -2.50 28.48
N ARG A 85 -11.11 -3.38 28.61
CA ARG A 85 -9.79 -3.11 28.06
C ARG A 85 -9.28 -4.32 27.32
N TYR A 86 -8.88 -4.13 26.05
CA TYR A 86 -8.41 -5.19 25.19
C TYR A 86 -7.14 -4.77 24.52
N ARG A 87 -6.20 -5.70 24.39
CA ARG A 87 -4.91 -5.46 23.76
C ARG A 87 -4.77 -6.44 22.57
N ALA A 88 -4.20 -6.02 21.43
CA ALA A 88 -4.00 -6.95 20.32
C ALA A 88 -3.01 -8.08 20.73
N CYS A 89 -3.14 -9.28 20.10
CA CYS A 89 -2.19 -10.37 20.38
C CYS A 89 -0.77 -9.94 19.95
N PRO A 90 0.31 -10.53 20.49
CA PRO A 90 1.68 -10.07 20.11
C PRO A 90 2.03 -10.09 18.62
N ASP A 91 1.47 -11.02 17.87
CA ASP A 91 1.74 -11.13 16.43
C ASP A 91 0.65 -10.50 15.57
N PHE A 92 -0.13 -9.57 16.15
CA PHE A 92 -1.20 -8.88 15.47
C PHE A 92 -0.80 -8.23 14.15
N ASP A 93 0.35 -7.55 14.09
CA ASP A 93 0.76 -6.85 12.89
C ASP A 93 1.08 -7.79 11.73
N THR A 94 1.52 -9.00 12.03
CA THR A 94 1.78 -10.01 11.00
C THR A 94 0.46 -10.56 10.47
N ILE A 95 -0.51 -10.81 11.35
CA ILE A 95 -1.84 -11.28 10.99
C ILE A 95 -2.54 -10.23 10.14
N ARG A 96 -2.43 -8.95 10.54
CA ARG A 96 -3.03 -7.85 9.79
C ARG A 96 -2.38 -7.77 8.39
N HIS A 97 -1.06 -7.93 8.30
CA HIS A 97 -0.33 -7.95 7.05
C HIS A 97 -0.84 -9.05 6.11
N GLN A 98 -0.98 -10.30 6.60
CA GLN A 98 -1.47 -11.40 5.80
C GLN A 98 -2.93 -11.16 5.36
N ALA A 99 -3.77 -10.62 6.27
CA ALA A 99 -5.15 -10.25 5.94
C ALA A 99 -5.22 -9.25 4.79
N GLY A 100 -4.18 -8.41 4.64
CA GLY A 100 -4.09 -7.43 3.57
C GLY A 100 -4.21 -8.05 2.19
N TYR A 101 -3.55 -9.20 1.97
CA TYR A 101 -3.63 -9.89 0.67
C TYR A 101 -5.05 -10.38 0.39
N ILE A 102 -5.73 -10.95 1.41
CA ILE A 102 -7.09 -11.46 1.25
C ILE A 102 -8.09 -10.32 1.04
N SER A 103 -7.90 -9.23 1.76
CA SER A 103 -8.73 -8.04 1.60
C SER A 103 -8.54 -7.43 0.21
N TRP A 104 -7.31 -7.39 -0.29
CA TRP A 104 -7.05 -6.85 -1.60
C TRP A 104 -7.73 -7.65 -2.70
N THR A 105 -7.55 -8.98 -2.72
CA THR A 105 -8.13 -9.80 -3.78
C THR A 105 -9.63 -10.03 -3.65
N MET A 106 -10.16 -10.21 -2.42
CA MET A 106 -11.55 -10.57 -2.16
C MET A 106 -12.47 -9.42 -1.83
N ASN A 107 -11.92 -8.27 -1.40
CA ASN A 107 -12.71 -7.13 -0.99
C ASN A 107 -12.48 -5.96 -1.95
N ALA A 108 -11.26 -5.40 -1.97
CA ALA A 108 -10.94 -4.26 -2.85
C ALA A 108 -11.27 -4.56 -4.32
N ASN A 109 -10.96 -5.77 -4.81
CA ASN A 109 -11.23 -6.11 -6.20
C ASN A 109 -12.47 -6.94 -6.43
N ARG A 110 -13.39 -6.98 -5.45
CA ARG A 110 -14.68 -7.66 -5.55
C ARG A 110 -15.51 -7.29 -6.80
N PRO A 111 -15.68 -6.01 -7.23
CA PRO A 111 -16.48 -5.76 -8.46
C PRO A 111 -16.01 -6.56 -9.68
N PHE A 112 -14.74 -6.92 -9.73
CA PHE A 112 -14.18 -7.67 -10.84
C PHE A 112 -14.53 -9.16 -10.72
N ILE A 113 -14.53 -9.68 -9.48
CA ILE A 113 -14.90 -11.08 -9.22
C ILE A 113 -16.37 -11.30 -9.57
N GLU A 114 -17.24 -10.38 -9.13
CA GLU A 114 -18.67 -10.54 -9.33
C GLU A 114 -19.21 -10.20 -10.67
N ASN A 115 -18.52 -9.35 -11.42
CA ASN A 115 -19.08 -8.88 -12.69
C ASN A 115 -18.18 -9.14 -13.87
N ALA A 116 -17.35 -10.19 -13.80
CA ALA A 116 -16.42 -10.54 -14.87
C ALA A 116 -17.10 -10.72 -16.20
N ARG A 117 -18.27 -11.37 -16.22
CA ARG A 117 -19.04 -11.57 -17.44
C ARG A 117 -19.35 -10.23 -18.14
N ASP A 118 -19.77 -9.21 -17.37
CA ASP A 118 -20.01 -7.87 -17.93
C ASP A 118 -18.76 -7.27 -18.55
N PHE A 119 -17.59 -7.41 -17.89
CA PHE A 119 -16.32 -6.90 -18.43
C PHE A 119 -15.94 -7.58 -19.75
N PHE A 120 -16.25 -8.88 -19.89
CA PHE A 120 -15.94 -9.67 -21.10
C PHE A 120 -16.82 -9.31 -22.29
N THR A 121 -18.02 -8.74 -22.05
CA THR A 121 -18.94 -8.43 -23.13
C THR A 121 -18.95 -6.95 -23.49
N ASP A 122 -18.93 -6.06 -22.48
CA ASP A 122 -18.88 -4.61 -22.74
C ASP A 122 -17.99 -3.97 -21.68
N TRP A 123 -16.65 -3.97 -21.93
CA TRP A 123 -15.66 -3.44 -21.00
C TRP A 123 -15.90 -2.01 -20.61
N ASP A 124 -16.17 -1.11 -21.57
CA ASP A 124 -16.38 0.30 -21.25
C ASP A 124 -17.58 0.52 -20.33
N LYS A 125 -18.70 -0.16 -20.58
CA LYS A 125 -19.87 -0.02 -19.71
C LYS A 125 -19.59 -0.58 -18.32
N ALA A 126 -18.88 -1.74 -18.26
CA ALA A 126 -18.55 -2.40 -16.99
C ALA A 126 -17.57 -1.60 -16.15
N ALA A 127 -16.53 -1.03 -16.79
CA ALA A 127 -15.50 -0.26 -16.09
C ALA A 127 -16.05 0.95 -15.37
N ARG A 128 -17.11 1.57 -15.90
CA ARG A 128 -17.73 2.73 -15.24
C ARG A 128 -18.91 2.35 -14.32
N THR A 129 -19.42 1.11 -14.40
CA THR A 129 -20.53 0.67 -13.55
C THR A 129 -20.03 -0.02 -12.28
N HIS A 130 -19.04 -0.93 -12.43
CA HIS A 130 -18.52 -1.73 -11.32
C HIS A 130 -17.16 -1.19 -10.90
N VAL A 131 -17.18 -0.21 -10.00
CA VAL A 131 -16.00 0.51 -9.58
C VAL A 131 -15.54 0.09 -8.18
N ARG A 132 -14.23 0.09 -7.96
CA ARG A 132 -13.66 -0.30 -6.69
C ARG A 132 -13.83 0.78 -5.64
N ASP A 133 -13.99 0.37 -4.38
CA ASP A 133 -14.05 1.29 -3.25
C ASP A 133 -12.60 1.64 -2.95
N TYR A 134 -12.23 2.91 -3.16
CA TYR A 134 -10.84 3.36 -3.02
C TYR A 134 -10.31 3.31 -1.60
N ARG A 135 -11.21 3.39 -0.59
CA ARG A 135 -10.76 3.28 0.78
C ARG A 135 -10.29 1.82 1.03
N GLU A 136 -11.00 0.83 0.46
CA GLU A 136 -10.61 -0.58 0.59
C GLU A 136 -9.32 -0.87 -0.15
N VAL A 137 -9.11 -0.28 -1.34
CA VAL A 137 -7.86 -0.43 -2.09
C VAL A 137 -6.70 0.11 -1.26
N ALA A 138 -6.89 1.29 -0.66
CA ALA A 138 -5.85 1.97 0.13
C ALA A 138 -5.46 1.22 1.41
N VAL A 139 -6.43 0.77 2.20
CA VAL A 139 -6.15 0.05 3.44
C VAL A 139 -5.54 -1.32 3.17
N SER A 140 -6.10 -2.09 2.23
CA SER A 140 -5.56 -3.41 1.92
C SER A 140 -4.13 -3.34 1.39
N SER A 141 -3.79 -2.32 0.56
CA SER A 141 -2.42 -2.21 0.06
C SER A 141 -1.47 -1.70 1.13
N GLN A 142 -1.96 -0.88 2.08
CA GLN A 142 -1.14 -0.45 3.20
C GLN A 142 -0.80 -1.65 4.08
N TRP A 143 -1.77 -2.55 4.30
CA TRP A 143 -1.56 -3.77 5.10
C TRP A 143 -0.55 -4.70 4.41
N MET A 144 -0.66 -4.86 3.09
CA MET A 144 0.30 -5.67 2.34
C MET A 144 1.70 -5.02 2.38
N GLY A 145 1.74 -3.69 2.27
CA GLY A 145 2.99 -2.96 2.27
C GLY A 145 3.75 -2.94 3.57
N SER A 146 3.05 -3.05 4.70
CA SER A 146 3.65 -2.97 6.02
C SER A 146 4.87 -3.88 6.22
N HIS A 147 4.81 -5.10 5.69
CA HIS A 147 5.93 -6.05 5.83
C HIS A 147 6.51 -6.48 4.48
N ALA A 148 5.88 -6.15 3.36
CA ALA A 148 6.32 -6.62 2.05
C ALA A 148 6.88 -5.58 1.08
N PHE A 149 6.73 -4.25 1.32
CA PHE A 149 7.35 -3.27 0.42
C PHE A 149 7.73 -1.97 1.09
N TYR A 150 6.92 -1.49 2.02
CA TYR A 150 7.18 -0.24 2.73
C TYR A 150 8.57 -0.21 3.41
N PRO A 151 9.01 -1.24 4.19
CA PRO A 151 10.33 -1.13 4.84
C PRO A 151 11.54 -1.09 3.89
N THR A 152 11.44 -1.67 2.68
CA THR A 152 12.57 -1.64 1.74
C THR A 152 12.74 -0.26 1.16
N ALA A 153 11.62 0.39 0.79
CA ALA A 153 11.65 1.75 0.26
C ALA A 153 12.16 2.69 1.37
N LEU A 154 11.63 2.54 2.60
CA LEU A 154 12.00 3.31 3.79
C LEU A 154 13.52 3.21 4.06
N ALA A 155 14.08 2.00 4.17
CA ALA A 155 15.50 1.83 4.45
C ALA A 155 16.39 2.36 3.31
N THR A 156 15.89 2.31 2.06
CA THR A 156 16.64 2.81 0.92
C THR A 156 16.74 4.35 0.95
N ILE A 157 15.61 5.05 1.21
CA ILE A 157 15.61 6.50 1.27
C ILE A 157 16.53 6.98 2.41
N ILE A 158 16.33 6.44 3.63
CA ILE A 158 17.09 6.81 4.83
C ILE A 158 18.62 6.59 4.69
N ASP A 159 19.04 5.41 4.26
CA ASP A 159 20.47 5.09 4.16
C ASP A 159 21.23 5.92 3.09
N ALA A 160 20.50 6.60 2.20
CA ALA A 160 21.14 7.48 1.22
C ALA A 160 21.44 8.88 1.81
N ALA A 161 20.94 9.17 3.06
CA ALA A 161 21.10 10.45 3.79
C ALA A 161 20.80 11.65 2.90
N PRO A 162 19.53 11.81 2.49
CA PRO A 162 19.20 12.89 1.55
C PRO A 162 18.96 14.25 2.18
N ARG A 163 19.29 15.31 1.43
CA ARG A 163 19.03 16.68 1.85
C ARG A 163 17.57 17.01 1.51
N LYS A 164 17.12 16.63 0.30
CA LYS A 164 15.76 16.86 -0.16
C LYS A 164 15.14 15.55 -0.67
N VAL A 165 13.90 15.24 -0.23
CA VAL A 165 13.21 14.04 -0.66
C VAL A 165 11.86 14.40 -1.26
N VAL A 166 11.53 13.91 -2.45
CA VAL A 166 10.25 14.20 -3.09
C VAL A 166 9.42 12.92 -3.16
N ASP A 167 8.11 12.97 -2.83
CA ASP A 167 7.25 11.81 -2.92
C ASP A 167 6.10 12.01 -3.89
N LEU A 168 6.16 11.37 -5.06
CA LEU A 168 5.10 11.44 -6.06
C LEU A 168 4.02 10.44 -5.65
N GLY A 169 2.89 10.94 -5.20
CA GLY A 169 1.79 10.10 -4.70
C GLY A 169 2.01 9.84 -3.22
N ALA A 170 2.29 10.92 -2.47
CA ALA A 170 2.62 10.86 -1.05
C ALA A 170 1.50 10.41 -0.13
N GLY A 171 0.26 10.57 -0.57
CA GLY A 171 -0.92 10.22 0.22
C GLY A 171 -1.01 11.01 1.51
N THR A 172 -0.96 10.29 2.65
CA THR A 172 -0.99 10.93 3.96
C THR A 172 0.41 11.32 4.48
N CYS A 173 1.43 11.30 3.60
CA CYS A 173 2.84 11.64 3.86
C CYS A 173 3.47 10.85 5.01
N ARG A 174 3.09 9.59 5.18
CA ARG A 174 3.64 8.75 6.25
C ARG A 174 5.11 8.39 6.02
N LEU A 175 5.47 8.04 4.77
CA LEU A 175 6.85 7.69 4.44
C LEU A 175 7.74 8.92 4.58
N LEU A 176 7.27 10.07 4.09
CA LEU A 176 8.01 11.31 4.14
C LEU A 176 8.25 11.80 5.57
N ILE A 177 7.27 11.62 6.47
CA ILE A 177 7.43 12.03 7.89
C ILE A 177 8.41 11.08 8.63
N GLU A 178 8.47 9.82 8.22
CA GLU A 178 9.36 8.84 8.83
C GLU A 178 10.80 9.03 8.37
N VAL A 179 11.01 9.40 7.09
CA VAL A 179 12.35 9.67 6.56
C VAL A 179 12.89 10.97 7.17
N LEU A 180 12.03 11.99 7.31
CA LEU A 180 12.40 13.27 7.91
C LEU A 180 12.73 13.13 9.40
N GLY A 181 12.06 12.21 10.09
CA GLY A 181 12.32 11.95 11.49
C GLY A 181 13.60 11.19 11.75
N ALA A 182 14.13 10.50 10.73
CA ALA A 182 15.37 9.72 10.88
C ALA A 182 16.58 10.37 10.25
N VAL A 183 16.38 11.23 9.25
CA VAL A 183 17.49 11.93 8.60
C VAL A 183 17.53 13.34 9.16
N PRO A 184 18.54 13.65 9.99
CA PRO A 184 18.59 14.98 10.61
C PRO A 184 18.96 16.09 9.62
N GLY A 185 18.05 17.04 9.44
CA GLY A 185 18.27 18.15 8.54
C GLY A 185 17.89 17.84 7.10
N SER A 186 16.69 17.29 6.89
CA SER A 186 16.21 16.98 5.55
C SER A 186 14.82 17.57 5.31
N THR A 187 14.57 18.02 4.09
CA THR A 187 13.26 18.55 3.71
C THR A 187 12.53 17.58 2.76
N GLY A 188 11.21 17.72 2.65
CA GLY A 188 10.43 16.84 1.80
C GLY A 188 9.26 17.50 1.09
N VAL A 189 8.99 17.08 -0.15
CA VAL A 189 7.87 17.62 -0.91
C VAL A 189 6.87 16.49 -1.17
N GLY A 190 5.71 16.56 -0.53
CA GLY A 190 4.67 15.55 -0.70
C GLY A 190 3.70 15.96 -1.79
N LEU A 191 3.59 15.16 -2.86
CA LEU A 191 2.73 15.50 -3.98
C LEU A 191 1.53 14.56 -4.08
N ASP A 192 0.30 15.08 -3.99
CA ASP A 192 -0.90 14.25 -4.09
C ASP A 192 -2.08 15.10 -4.54
N PHE A 193 -2.79 14.67 -5.60
CA PHE A 193 -3.91 15.39 -6.18
C PHE A 193 -5.17 15.46 -5.33
N ALA A 194 -5.36 14.48 -4.44
CA ALA A 194 -6.56 14.44 -3.59
C ALA A 194 -6.54 15.53 -2.52
N ALA A 195 -7.63 16.31 -2.45
CA ALA A 195 -7.78 17.36 -1.44
C ALA A 195 -8.00 16.76 -0.05
N ASP A 196 -8.71 15.61 0.02
CA ASP A 196 -8.99 14.91 1.27
C ASP A 196 -7.72 14.30 1.87
N ALA A 197 -6.81 13.81 1.01
CA ALA A 197 -5.55 13.23 1.46
C ALA A 197 -4.57 14.34 1.86
N CYS A 198 -4.54 15.45 1.09
CA CYS A 198 -3.66 16.58 1.36
C CYS A 198 -4.02 17.29 2.66
N ARG A 199 -5.32 17.45 2.94
CA ARG A 199 -5.75 18.10 4.17
C ARG A 199 -5.40 17.24 5.40
N ALA A 200 -5.45 15.90 5.25
CA ALA A 200 -5.10 14.96 6.32
C ALA A 200 -3.58 14.93 6.51
N ALA A 201 -2.81 15.03 5.42
CA ALA A 201 -1.36 15.04 5.49
C ALA A 201 -0.84 16.36 6.07
N GLU A 202 -1.57 17.47 5.85
CA GLU A 202 -1.20 18.79 6.37
C GLU A 202 -1.25 18.84 7.89
N GLN A 203 -2.28 18.22 8.49
CA GLN A 203 -2.40 18.19 9.95
C GLN A 203 -1.42 17.20 10.58
N ALA A 204 -1.16 16.07 9.90
CA ALA A 204 -0.21 15.06 10.38
C ALA A 204 1.23 15.56 10.33
N VAL A 205 1.55 16.45 9.36
CA VAL A 205 2.87 17.07 9.22
C VAL A 205 3.12 18.06 10.37
N ALA A 206 2.06 18.79 10.79
CA ALA A 206 2.15 19.77 11.87
C ALA A 206 2.36 19.11 13.24
N GLN A 207 1.63 18.02 13.55
CA GLN A 207 1.78 17.33 14.83
C GLN A 207 3.14 16.61 14.96
N ALA A 208 3.73 16.21 13.82
CA ALA A 208 5.05 15.57 13.79
C ALA A 208 6.19 16.58 14.10
N GLY A 209 5.94 17.87 13.91
CA GLY A 209 6.90 18.95 14.16
C GLY A 209 7.73 19.36 12.96
N MET A 210 7.38 18.86 11.76
CA MET A 210 8.12 19.15 10.54
C MET A 210 7.28 19.96 9.53
N THR A 211 6.55 20.99 9.99
CA THR A 211 5.71 21.79 9.11
C THR A 211 6.54 22.71 8.18
N ASP A 212 7.78 23.06 8.58
CA ASP A 212 8.69 23.88 7.79
C ASP A 212 9.56 23.04 6.85
N ARG A 213 9.81 21.77 7.21
CA ARG A 213 10.63 20.86 6.42
C ARG A 213 9.78 20.18 5.35
N LEU A 214 8.55 19.79 5.70
CA LEU A 214 7.66 19.09 4.76
C LEU A 214 6.60 19.99 4.12
N THR A 215 6.73 20.20 2.81
CA THR A 215 5.80 20.98 1.99
C THR A 215 4.78 20.05 1.34
N VAL A 216 3.48 20.29 1.59
CA VAL A 216 2.44 19.49 0.96
C VAL A 216 1.94 20.27 -0.25
N VAL A 217 2.02 19.66 -1.45
CA VAL A 217 1.61 20.28 -2.70
C VAL A 217 0.48 19.49 -3.33
N GLU A 218 -0.72 20.08 -3.44
CA GLU A 218 -1.87 19.40 -4.04
C GLU A 218 -1.81 19.51 -5.56
N ARG A 219 -1.16 18.53 -6.20
CA ARG A 219 -0.98 18.49 -7.66
C ARG A 219 -0.98 17.05 -8.18
N THR A 220 -1.24 16.89 -9.49
CA THR A 220 -1.20 15.58 -10.11
C THR A 220 0.24 15.26 -10.53
N ILE A 221 0.62 13.97 -10.58
CA ILE A 221 1.97 13.58 -11.03
C ILE A 221 2.15 13.93 -12.54
N GLN A 222 1.07 13.94 -13.30
CA GLN A 222 1.06 14.31 -14.72
C GLN A 222 1.39 15.81 -14.92
N SER A 223 1.09 16.67 -13.91
CA SER A 223 1.44 18.09 -13.97
C SER A 223 2.96 18.32 -13.85
N VAL A 224 3.72 17.31 -13.36
CA VAL A 224 5.18 17.38 -13.24
C VAL A 224 5.86 17.33 -14.64
N ALA A 225 5.16 16.79 -15.66
CA ALA A 225 5.67 16.77 -17.03
C ALA A 225 5.72 18.20 -17.62
N THR A 226 4.86 19.11 -17.13
CA THR A 226 4.82 20.51 -17.57
C THR A 226 5.55 21.42 -16.56
N ASP A 227 5.43 21.12 -15.26
CA ASP A 227 6.06 21.93 -14.21
C ASP A 227 6.96 21.10 -13.29
N PRO A 228 8.23 20.92 -13.65
CA PRO A 228 9.12 20.10 -12.80
C PRO A 228 9.88 20.86 -11.70
N GLY A 229 9.65 22.17 -11.57
CA GLY A 229 10.32 23.02 -10.58
C GLY A 229 10.43 22.49 -9.17
N VAL A 230 9.34 21.90 -8.63
CA VAL A 230 9.32 21.35 -7.27
C VAL A 230 10.26 20.13 -7.10
N LEU A 231 10.72 19.52 -8.21
CA LEU A 231 11.63 18.36 -8.16
C LEU A 231 13.10 18.79 -8.08
N GLU A 232 13.44 20.00 -8.54
CA GLU A 232 14.82 20.47 -8.62
C GLU A 232 15.61 20.35 -7.31
N GLY A 233 16.79 19.75 -7.41
CA GLY A 233 17.71 19.58 -6.30
C GLY A 233 17.46 18.40 -5.38
N ALA A 234 16.43 17.60 -5.66
CA ALA A 234 16.11 16.45 -4.81
C ALA A 234 17.17 15.36 -4.87
N ASP A 235 17.48 14.77 -3.73
CA ASP A 235 18.45 13.68 -3.68
C ASP A 235 17.75 12.36 -3.98
N VAL A 236 16.52 12.18 -3.48
CA VAL A 236 15.73 10.98 -3.74
C VAL A 236 14.31 11.38 -4.16
N ILE A 237 13.83 10.79 -5.26
CA ILE A 237 12.44 10.96 -5.68
C ILE A 237 11.79 9.58 -5.54
N HIS A 238 10.68 9.49 -4.81
CA HIS A 238 10.01 8.23 -4.57
C HIS A 238 8.69 8.17 -5.31
N ALA A 239 8.37 7.00 -5.89
CA ALA A 239 7.13 6.78 -6.62
C ALA A 239 6.67 5.34 -6.37
N GLY A 240 5.73 5.15 -5.45
CA GLY A 240 5.25 3.83 -5.08
C GLY A 240 3.93 3.44 -5.71
N PHE A 241 3.99 2.53 -6.70
CA PHE A 241 2.84 1.99 -7.44
C PHE A 241 1.98 3.10 -8.11
N VAL A 242 2.61 4.17 -8.58
CA VAL A 242 1.86 5.29 -9.18
C VAL A 242 2.02 5.44 -10.69
N PHE A 243 3.03 4.80 -11.30
CA PHE A 243 3.28 4.96 -12.73
C PHE A 243 2.39 4.12 -13.63
N HIS A 244 1.99 2.90 -13.22
CA HIS A 244 1.16 2.06 -14.08
C HIS A 244 -0.24 2.63 -14.33
N ASP A 245 -0.72 3.54 -13.47
CA ASP A 245 -2.00 4.21 -13.70
C ASP A 245 -1.96 5.05 -15.01
N MET A 246 -0.79 5.61 -15.33
CA MET A 246 -0.63 6.41 -16.56
C MET A 246 -0.53 5.56 -17.82
N LEU A 247 -0.07 4.32 -17.70
CA LEU A 247 0.13 3.45 -18.87
C LEU A 247 -1.10 2.58 -19.15
N PRO A 248 -1.47 2.41 -20.44
CA PRO A 248 -0.78 2.89 -21.64
C PRO A 248 -1.37 4.15 -22.28
N GLU A 249 -2.33 4.83 -21.63
CA GLU A 249 -2.96 6.02 -22.21
C GLU A 249 -2.08 7.27 -22.24
N GLU A 250 -1.45 7.60 -21.10
CA GLU A 250 -0.60 8.78 -20.92
C GLU A 250 0.89 8.42 -21.03
N GLU A 251 1.24 7.55 -21.98
CA GLU A 251 2.61 7.08 -22.20
C GLU A 251 3.64 8.23 -22.35
N ASP A 252 3.36 9.19 -23.22
CA ASP A 252 4.25 10.32 -23.48
C ASP A 252 4.36 11.25 -22.29
N VAL A 253 3.26 11.43 -21.55
CA VAL A 253 3.26 12.24 -20.34
C VAL A 253 4.16 11.57 -19.29
N CYS A 254 4.01 10.23 -19.10
CA CYS A 254 4.80 9.42 -18.17
C CYS A 254 6.30 9.49 -18.53
N ASP A 255 6.62 9.40 -19.82
CA ASP A 255 8.00 9.49 -20.29
C ASP A 255 8.62 10.87 -19.98
N GLN A 256 7.81 11.93 -20.06
CA GLN A 256 8.26 13.29 -19.77
C GLN A 256 8.44 13.48 -18.26
N VAL A 257 7.58 12.86 -17.44
CA VAL A 257 7.70 12.91 -15.98
C VAL A 257 9.02 12.26 -15.55
N LEU A 258 9.37 11.11 -16.16
CA LEU A 258 10.61 10.40 -15.87
C LEU A 258 11.84 11.17 -16.35
N ALA A 259 11.77 11.80 -17.54
CA ALA A 259 12.89 12.59 -18.07
C ALA A 259 13.13 13.83 -17.21
N ASN A 260 12.06 14.46 -16.72
CA ASN A 260 12.16 15.62 -15.84
C ASN A 260 12.75 15.23 -14.49
N CYS A 261 12.39 14.02 -13.98
CA CYS A 261 12.88 13.46 -12.73
C CYS A 261 14.40 13.33 -12.77
N ARG A 262 14.95 12.81 -13.89
CA ARG A 262 16.37 12.62 -14.08
C ARG A 262 17.16 13.93 -14.11
N GLU A 263 16.69 14.92 -14.87
CA GLU A 263 17.38 16.20 -14.98
C GLU A 263 17.35 16.96 -13.65
N SER A 264 16.20 16.91 -12.95
CA SER A 264 16.00 17.59 -11.67
C SER A 264 16.85 17.06 -10.53
N LEU A 265 17.20 15.76 -10.57
CA LEU A 265 18.00 15.14 -9.50
C LEU A 265 19.33 15.86 -9.28
N ALA A 266 19.70 16.02 -8.01
CA ALA A 266 20.98 16.59 -7.60
C ALA A 266 22.07 15.53 -7.86
N PRO A 267 23.36 15.90 -8.07
CA PRO A 267 24.39 14.87 -8.32
C PRO A 267 24.38 13.71 -7.31
N GLY A 268 24.42 12.48 -7.82
CA GLY A 268 24.35 11.30 -6.97
C GLY A 268 22.94 10.87 -6.57
N GLY A 269 21.93 11.61 -7.04
CA GLY A 269 20.55 11.33 -6.74
C GLY A 269 19.95 10.16 -7.51
N PHE A 270 18.80 9.67 -7.02
CA PHE A 270 18.13 8.57 -7.68
C PHE A 270 16.62 8.63 -7.57
N LEU A 271 15.94 8.07 -8.56
CA LEU A 271 14.50 7.93 -8.59
C LEU A 271 14.24 6.48 -8.17
N ALA A 272 13.54 6.28 -7.06
CA ALA A 272 13.20 4.97 -6.54
C ALA A 272 11.72 4.70 -6.82
N ILE A 273 11.44 3.83 -7.79
CA ILE A 273 10.10 3.42 -8.20
C ILE A 273 9.81 2.01 -7.75
N THR A 274 8.68 1.79 -7.10
CA THR A 274 8.23 0.43 -6.79
C THR A 274 7.03 0.20 -7.68
N ASP A 275 6.99 -0.95 -8.34
CA ASP A 275 5.88 -1.28 -9.21
C ASP A 275 5.69 -2.78 -9.35
N ALA A 276 4.61 -3.21 -10.00
CA ALA A 276 4.33 -4.61 -10.17
C ALA A 276 4.70 -5.04 -11.59
N VAL A 277 5.47 -6.13 -11.70
CA VAL A 277 5.85 -6.66 -13.00
C VAL A 277 4.84 -7.77 -13.37
N PRO A 278 4.54 -7.95 -14.66
CA PRO A 278 3.49 -8.90 -15.03
C PRO A 278 3.90 -10.37 -15.09
N TYR A 279 2.92 -11.22 -14.75
CA TYR A 279 2.91 -12.67 -14.83
C TYR A 279 4.26 -13.40 -14.64
N LEU A 280 4.76 -13.44 -13.41
CA LEU A 280 5.98 -14.19 -13.10
C LEU A 280 5.68 -15.70 -13.04
N ARG A 281 6.66 -16.54 -13.37
CA ARG A 281 6.53 -18.00 -13.43
C ARG A 281 7.07 -18.68 -12.20
N ASN A 282 8.02 -18.05 -11.46
CA ASN A 282 8.62 -18.71 -10.29
C ASN A 282 7.55 -19.08 -9.26
N ASP A 283 7.69 -20.25 -8.65
CA ASP A 283 6.73 -20.83 -7.74
C ASP A 283 6.24 -19.94 -6.61
N ARG A 284 7.14 -19.24 -5.92
CA ARG A 284 6.72 -18.37 -4.84
C ARG A 284 5.82 -17.20 -5.30
N GLU A 285 6.18 -16.56 -6.43
CA GLU A 285 5.43 -15.39 -6.83
C GLU A 285 4.32 -15.60 -7.84
N ARG A 286 4.27 -16.71 -8.53
CA ARG A 286 3.38 -16.86 -9.69
C ARG A 286 1.90 -16.67 -9.42
N ARG A 287 1.40 -17.20 -8.33
CA ARG A 287 -0.03 -17.13 -8.06
C ARG A 287 -0.53 -15.72 -7.78
N PHE A 288 0.08 -14.99 -6.83
CA PHE A 288 -0.34 -13.62 -6.51
C PHE A 288 0.02 -12.69 -7.68
N SER A 289 1.18 -12.91 -8.33
CA SER A 289 1.57 -12.16 -9.54
C SER A 289 0.45 -12.27 -10.59
N ALA A 290 -0.09 -13.47 -10.83
CA ALA A 290 -1.13 -13.63 -11.85
C ALA A 290 -2.39 -12.87 -11.49
N ALA A 291 -2.78 -12.84 -10.18
CA ALA A 291 -3.95 -12.12 -9.70
C ALA A 291 -3.78 -10.60 -9.88
N VAL A 292 -2.62 -10.05 -9.48
CA VAL A 292 -2.31 -8.65 -9.67
C VAL A 292 -2.34 -8.28 -11.16
N SER A 293 -1.74 -9.15 -11.98
CA SER A 293 -1.61 -8.95 -13.41
C SER A 293 -2.92 -8.98 -14.15
N TYR A 294 -3.79 -9.93 -13.82
CA TYR A 294 -5.09 -10.10 -14.43
C TYR A 294 -6.04 -8.99 -14.00
N TYR A 295 -6.03 -8.60 -12.71
CA TYR A 295 -6.87 -7.47 -12.26
C TYR A 295 -6.42 -6.18 -13.01
N HIS A 296 -5.11 -5.92 -13.10
CA HIS A 296 -4.62 -4.74 -13.82
C HIS A 296 -4.86 -4.77 -15.33
N GLY A 297 -4.47 -5.84 -15.98
CA GLY A 297 -4.56 -5.95 -17.42
C GLY A 297 -5.97 -6.14 -17.94
N GLU A 298 -6.71 -7.11 -17.38
CA GLU A 298 -8.05 -7.41 -17.86
C GLU A 298 -9.12 -6.42 -17.41
N PHE A 299 -9.16 -6.10 -16.12
CA PHE A 299 -10.23 -5.28 -15.57
C PHE A 299 -9.95 -3.80 -15.52
N MET A 300 -8.72 -3.39 -15.23
CA MET A 300 -8.41 -1.96 -15.14
C MET A 300 -7.74 -1.39 -16.39
N ARG A 301 -7.26 -2.27 -17.30
CA ARG A 301 -6.53 -1.91 -18.50
C ARG A 301 -5.33 -1.01 -18.21
N ARG A 302 -4.63 -1.30 -17.12
CA ARG A 302 -3.43 -0.57 -16.77
C ARG A 302 -2.25 -1.43 -17.11
N ARG A 303 -1.31 -0.87 -17.87
CA ARG A 303 -0.13 -1.56 -18.32
C ARG A 303 0.94 -1.74 -17.25
N LEU A 304 1.25 -3.01 -16.93
CA LEU A 304 2.33 -3.36 -15.99
C LEU A 304 3.51 -3.71 -16.91
N GLN A 305 4.69 -3.19 -16.58
CA GLN A 305 5.88 -3.42 -17.39
C GLN A 305 6.80 -4.40 -16.75
N SER A 306 7.48 -5.20 -17.57
CA SER A 306 8.47 -6.14 -17.06
C SER A 306 9.71 -5.34 -16.56
N GLU A 307 10.65 -6.03 -15.91
CA GLU A 307 11.89 -5.39 -15.47
C GLU A 307 12.66 -4.85 -16.68
N GLU A 308 12.67 -5.61 -17.79
CA GLU A 308 13.32 -5.20 -19.03
C GLU A 308 12.68 -3.94 -19.63
N GLU A 309 11.34 -3.85 -19.65
CA GLU A 309 10.64 -2.68 -20.16
C GLU A 309 10.93 -1.47 -19.29
N TRP A 310 10.89 -1.64 -17.98
CA TRP A 310 11.17 -0.58 -17.03
C TRP A 310 12.59 -0.05 -17.19
N VAL A 311 13.59 -0.94 -17.32
CA VAL A 311 14.98 -0.53 -17.47
C VAL A 311 15.16 0.24 -18.78
N GLU A 312 14.56 -0.25 -19.87
CA GLU A 312 14.67 0.43 -21.15
C GLU A 312 14.04 1.84 -21.10
N ARG A 313 12.86 1.97 -20.46
CA ARG A 313 12.17 3.26 -20.32
C ARG A 313 12.99 4.21 -19.45
N LEU A 314 13.56 3.70 -18.34
CA LEU A 314 14.35 4.54 -17.45
C LEU A 314 15.65 4.99 -18.10
N ARG A 315 16.28 4.15 -18.93
CA ARG A 315 17.49 4.57 -19.66
C ARG A 315 17.12 5.60 -20.76
N GLY A 316 15.94 5.44 -21.36
CA GLY A 316 15.41 6.38 -22.34
C GLY A 316 15.09 7.75 -21.74
N ALA A 317 14.95 7.82 -20.42
CA ALA A 317 14.74 9.07 -19.69
C ALA A 317 16.07 9.76 -19.26
N GLY A 318 17.22 9.20 -19.65
CA GLY A 318 18.52 9.78 -19.33
C GLY A 318 19.27 9.17 -18.16
N PHE A 319 18.61 8.29 -17.37
CA PHE A 319 19.22 7.65 -16.21
C PHE A 319 20.42 6.79 -16.64
N SER A 320 21.56 6.95 -15.94
CA SER A 320 22.84 6.30 -16.30
C SER A 320 22.89 4.82 -16.00
N ASP A 321 22.23 4.42 -14.93
CA ASP A 321 22.23 3.05 -14.46
C ASP A 321 20.93 2.80 -13.71
N VAL A 322 20.38 1.60 -13.84
CA VAL A 322 19.14 1.23 -13.17
C VAL A 322 19.38 -0.10 -12.48
N ARG A 323 19.02 -0.21 -11.21
CA ARG A 323 19.11 -1.46 -10.46
C ARG A 323 17.69 -1.94 -10.14
N ALA A 324 17.41 -3.27 -10.26
CA ALA A 324 16.11 -3.82 -9.90
C ALA A 324 16.28 -4.73 -8.67
N LEU A 325 15.43 -4.55 -7.65
CA LEU A 325 15.49 -5.32 -6.42
C LEU A 325 14.15 -6.05 -6.25
N THR A 326 14.22 -7.34 -5.95
CA THR A 326 13.03 -8.13 -5.71
C THR A 326 12.48 -7.76 -4.32
N LEU A 327 11.19 -7.44 -4.26
CA LEU A 327 10.50 -7.14 -3.01
C LEU A 327 9.79 -8.42 -2.54
N ALA A 328 9.53 -8.52 -1.22
CA ALA A 328 8.80 -9.65 -0.66
C ALA A 328 7.37 -9.71 -1.21
N PHE A 329 6.77 -8.54 -1.52
CA PHE A 329 5.45 -8.42 -2.16
C PHE A 329 5.54 -9.13 -3.52
N PRO A 330 4.84 -10.27 -3.71
CA PRO A 330 5.04 -11.05 -4.94
C PRO A 330 4.68 -10.24 -6.16
N THR A 331 5.58 -10.23 -7.18
CA THR A 331 5.51 -9.45 -8.41
C THR A 331 5.96 -7.97 -8.17
N GLY A 332 6.34 -7.60 -6.96
CA GLY A 332 6.80 -6.26 -6.64
C GLY A 332 8.29 -6.10 -6.88
N ARG A 333 8.67 -5.01 -7.56
CA ARG A 333 10.07 -4.71 -7.84
C ARG A 333 10.37 -3.26 -7.48
N LEU A 334 11.55 -3.02 -6.93
CA LEU A 334 12.03 -1.69 -6.60
C LEU A 334 13.13 -1.37 -7.63
N PHE A 335 12.92 -0.32 -8.42
CA PHE A 335 13.86 0.13 -9.40
C PHE A 335 14.52 1.38 -8.88
N LEU A 336 15.85 1.36 -8.76
CA LEU A 336 16.63 2.52 -8.34
C LEU A 336 17.32 3.04 -9.59
N ALA A 337 16.87 4.17 -10.10
CA ALA A 337 17.38 4.76 -11.32
C ALA A 337 18.32 5.89 -10.94
N HIS A 338 19.61 5.67 -11.14
CA HIS A 338 20.63 6.67 -10.80
C HIS A 338 20.79 7.66 -11.94
N ARG A 339 20.94 8.94 -11.59
CA ARG A 339 21.12 10.03 -12.55
C ARG A 339 22.34 9.74 -13.45
ZN ZN B . -2.84 -0.40 -9.58
C1 COI C . -4.21 -1.72 -6.95
O1 COI C . -4.85 -2.16 -5.96
O2 COI C . -4.72 -1.36 -8.04
C2 COI C . -2.73 -1.61 -6.78
O3 COI C . -2.03 -1.40 -7.76
C3 COI C . -2.13 -1.79 -5.40
C4 COI C . -0.78 -2.50 -5.41
C5 COI C . -0.92 -3.93 -5.90
C6 COI C . -0.12 -2.44 -4.06
CL CL D . 24.39 15.31 -17.59
C1 GOL E . -14.18 -4.57 -25.08
O1 GOL E . -15.51 -4.56 -24.58
C2 GOL E . -13.90 -3.42 -26.02
O2 GOL E . -12.64 -3.62 -26.70
C3 GOL E . -13.93 -2.06 -25.34
O3 GOL E . -15.25 -1.73 -24.90
#